data_2P6X
#
_entry.id   2P6X
#
_cell.length_a   60.961
_cell.length_b   48.442
_cell.length_c   119.805
_cell.angle_alpha   90.00
_cell.angle_beta   102.84
_cell.angle_gamma   90.00
#
_symmetry.space_group_name_H-M   'P 1 21 1'
#
loop_
_entity.id
_entity.type
_entity.pdbx_description
1 polymer 'Tyrosine-protein phosphatase non-receptor type 22'
2 non-polymer 1,2-ETHANEDIOL
3 non-polymer 'CHLORIDE ION'
4 water water
#
_entity_poly.entity_id   1
_entity_poly.type   'polypeptide(L)'
_entity_poly.pdbx_seq_one_letter_code
;MDQREILQKFLDEAQSKKITKEEFANEFLKLKRQSTKYKADKTYPTTVAEKPKNIKKNRYKDILPYDYSRVELSLITSDE
DSSYINANFIKGVYGPKAYIATQGPLSTTLLDFWRMIWEYSVLIIVMACMEYEMGKKKCERYWAEPGEMQLEFGPFSVSC
EAEKRKSDYIIRTLKVKFNSETRTIYQFHYKNWPDHDVPSSIDPILELIWDVRCYQEDDSVPICIHCSAGCGRTGVICAI
DYTWMLLKDGIIPENFSVFSLIREMRTQRPSLVQTQEQYELVYNAVLELFKRQMDVIRDKHSAHHHHHH
;
_entity_poly.pdbx_strand_id   A,B
#
loop_
_chem_comp.id
_chem_comp.type
_chem_comp.name
_chem_comp.formula
CL non-polymer 'CHLORIDE ION' 'Cl -1'
EDO non-polymer 1,2-ETHANEDIOL 'C2 H6 O2'
#
# COMPACT_ATOMS: atom_id res chain seq x y z
N MET A 1 48.92 -10.84 5.46
CA MET A 1 48.13 -11.99 5.99
C MET A 1 47.19 -12.42 4.90
N ASP A 2 46.74 -13.68 4.96
CA ASP A 2 45.73 -14.14 4.04
C ASP A 2 44.38 -13.84 4.63
N GLN A 3 43.33 -14.08 3.86
CA GLN A 3 41.97 -13.75 4.32
C GLN A 3 41.60 -14.59 5.49
N ARG A 4 41.95 -15.86 5.47
CA ARG A 4 41.57 -16.70 6.59
C ARG A 4 42.09 -16.15 7.92
N GLU A 5 43.35 -15.75 7.92
CA GLU A 5 44.00 -15.19 9.09
C GLU A 5 43.40 -13.85 9.49
N ILE A 6 43.02 -13.02 8.53
CA ILE A 6 42.35 -11.75 8.86
C ILE A 6 40.99 -11.98 9.45
N LEU A 7 40.22 -12.89 8.84
CA LEU A 7 38.89 -13.20 9.35
C LEU A 7 39.00 -13.84 10.75
N GLN A 8 39.92 -14.78 10.91
CA GLN A 8 40.04 -15.46 12.19
C GLN A 8 40.43 -14.51 13.34
N LYS A 9 41.32 -13.55 13.05
CA LYS A 9 41.72 -12.52 14.01
C LYS A 9 40.52 -11.68 14.44
N PHE A 10 39.68 -11.27 13.49
CA PHE A 10 38.40 -10.58 13.83
C PHE A 10 37.48 -11.43 14.70
N LEU A 11 37.37 -12.70 14.34
CA LEU A 11 36.53 -13.62 15.11
C LEU A 11 37.09 -13.86 16.51
N ASP A 12 38.40 -14.05 16.59
CA ASP A 12 39.05 -14.30 17.92
C ASP A 12 38.91 -13.09 18.82
N GLU A 13 39.15 -11.92 18.26
CA GLU A 13 38.96 -10.64 18.95
C GLU A 13 37.52 -10.44 19.46
N ALA A 14 36.53 -10.71 18.62
CA ALA A 14 35.10 -10.63 19.00
C ALA A 14 34.79 -11.59 20.12
N GLN A 15 35.29 -12.81 20.00
CA GLN A 15 35.04 -13.84 21.02
C GLN A 15 35.68 -13.49 22.32
N SER A 16 36.90 -12.94 22.28
CA SER A 16 37.71 -12.78 23.49
C SER A 16 37.50 -11.45 24.23
N LYS A 17 36.78 -10.53 23.60
CA LYS A 17 36.43 -9.28 24.24
C LYS A 17 35.04 -8.89 23.67
N LYS A 18 33.98 -9.21 24.42
CA LYS A 18 32.62 -8.90 24.00
C LYS A 18 32.43 -7.38 24.13
N ILE A 19 31.74 -6.78 23.19
CA ILE A 19 31.62 -5.32 23.21
C ILE A 19 30.39 -4.98 24.02
N THR A 20 30.50 -4.06 24.96
CA THR A 20 29.37 -3.77 25.84
C THR A 20 28.54 -2.61 25.29
N LYS A 21 27.39 -2.38 25.92
CA LYS A 21 26.54 -1.28 25.49
CA LYS A 21 26.52 -1.27 25.51
C LYS A 21 27.26 0.07 25.65
N GLU A 22 27.95 0.24 26.77
CA GLU A 22 28.72 1.46 27.03
C GLU A 22 29.79 1.65 25.98
N GLU A 23 30.45 0.57 25.56
CA GLU A 23 31.46 0.65 24.55
C GLU A 23 30.88 1.09 23.23
N PHE A 24 29.74 0.53 22.85
CA PHE A 24 29.11 0.94 21.64
C PHE A 24 28.72 2.40 21.66
N ALA A 25 28.21 2.86 22.80
CA ALA A 25 27.80 4.24 22.96
C ALA A 25 29.02 5.17 22.85
N ASN A 26 30.13 4.79 23.47
CA ASN A 26 31.38 5.56 23.37
C ASN A 26 31.89 5.60 21.91
N GLU A 27 31.82 4.48 21.21
CA GLU A 27 32.21 4.47 19.82
C GLU A 27 31.35 5.37 18.96
N PHE A 28 30.06 5.29 19.15
CA PHE A 28 29.13 6.11 18.35
C PHE A 28 29.32 7.60 18.64
N LEU A 29 29.63 7.91 19.87
CA LEU A 29 29.88 9.30 20.23
C LEU A 29 31.09 9.83 19.49
N LYS A 30 32.13 9.02 19.30
CA LYS A 30 33.28 9.51 18.47
C LYS A 30 32.90 9.77 17.04
N LEU A 31 32.01 8.98 16.50
CA LEU A 31 31.51 9.21 15.13
C LEU A 31 30.80 10.54 15.10
N LYS A 32 29.99 10.82 16.11
CA LYS A 32 29.26 12.09 16.15
C LYS A 32 30.23 13.27 16.31
N ARG A 33 31.26 13.08 17.12
CA ARG A 33 32.29 14.11 17.28
C ARG A 33 33.01 14.48 15.95
N GLN A 34 33.31 13.50 15.15
CA GLN A 34 33.88 13.68 13.82
C GLN A 34 32.98 14.49 12.98
N SER A 35 31.68 14.18 12.99
CA SER A 35 30.71 15.04 12.25
C SER A 35 30.66 16.51 12.71
N THR A 36 30.73 16.77 14.04
CA THR A 36 30.82 18.12 14.56
C THR A 36 32.02 18.86 13.97
N LYS A 37 33.16 18.19 13.96
CA LYS A 37 34.43 18.78 13.53
C LYS A 37 34.36 19.12 12.05
N TYR A 38 33.83 18.17 11.27
CA TYR A 38 33.72 18.33 9.81
C TYR A 38 32.75 19.48 9.49
N LYS A 39 31.71 19.64 10.29
CA LYS A 39 30.77 20.74 10.10
C LYS A 39 31.51 22.06 10.38
N ALA A 40 32.22 22.13 11.51
CA ALA A 40 32.97 23.34 11.83
C ALA A 40 34.06 23.70 10.79
N ASP A 41 34.68 22.67 10.21
CA ASP A 41 35.76 22.84 9.24
C ASP A 41 35.25 23.11 7.79
N LYS A 42 33.93 23.09 7.63
CA LYS A 42 33.25 23.17 6.34
C LYS A 42 33.77 22.15 5.33
N THR A 43 34.07 20.96 5.80
CA THR A 43 34.69 19.91 4.96
C THR A 43 33.74 19.46 3.83
N TYR A 44 32.48 19.34 4.17
CA TYR A 44 31.46 18.79 3.29
C TYR A 44 30.24 19.70 3.22
N PRO A 45 30.35 20.80 2.47
CA PRO A 45 29.25 21.75 2.32
C PRO A 45 28.01 21.15 1.65
N THR A 46 26.86 21.74 1.97
CA THR A 46 25.54 21.32 1.44
C THR A 46 24.81 22.50 0.79
N THR A 47 25.53 23.27 -0.02
CA THR A 47 25.01 24.50 -0.57
C THR A 47 23.86 24.32 -1.54
N VAL A 48 23.90 23.30 -2.34
CA VAL A 48 22.87 23.09 -3.34
C VAL A 48 21.53 22.69 -2.68
N ALA A 49 21.60 21.80 -1.72
CA ALA A 49 20.40 21.38 -0.95
C ALA A 49 19.69 22.54 -0.26
N GLU A 50 20.48 23.55 0.14
CA GLU A 50 20.04 24.74 0.90
C GLU A 50 19.43 25.87 0.09
N LYS A 51 19.57 25.80 -1.23
CA LYS A 51 18.99 26.79 -2.10
C LYS A 51 17.49 26.84 -1.86
N PRO A 52 16.90 28.05 -1.90
CA PRO A 52 15.43 28.20 -1.70
C PRO A 52 14.56 27.35 -2.62
N LYS A 53 14.91 27.28 -3.89
CA LYS A 53 14.19 26.45 -4.81
C LYS A 53 14.25 24.94 -4.41
N ASN A 54 15.26 24.56 -3.62
CA ASN A 54 15.43 23.13 -3.26
C ASN A 54 14.96 22.72 -1.84
N ILE A 55 14.70 23.70 -0.98
CA ILE A 55 14.17 23.44 0.38
C ILE A 55 12.94 22.50 0.43
N LYS A 56 11.98 22.72 -0.44
CA LYS A 56 10.76 21.88 -0.51
C LYS A 56 10.99 20.49 -1.07
N LYS A 57 12.19 20.23 -1.57
CA LYS A 57 12.56 18.92 -2.09
C LYS A 57 13.20 18.02 -1.06
N ASN A 58 13.44 18.58 0.14
CA ASN A 58 14.04 17.88 1.30
C ASN A 58 13.01 17.44 2.27
N ARG A 59 12.96 16.14 2.58
CA ARG A 59 11.94 15.61 3.48
C ARG A 59 12.23 16.06 4.88
N TYR A 60 13.50 16.05 5.27
CA TYR A 60 13.95 16.45 6.59
C TYR A 60 15.00 17.57 6.41
N LYS A 61 14.74 18.70 7.04
CA LYS A 61 15.57 19.92 6.93
C LYS A 61 16.99 19.73 7.45
N ASP A 62 17.15 18.78 8.37
CA ASP A 62 18.46 18.42 8.92
C ASP A 62 19.26 17.46 8.08
N ILE A 63 18.65 16.81 7.09
CA ILE A 63 19.35 15.80 6.28
C ILE A 63 19.53 16.30 4.86
N LEU A 64 20.70 16.86 4.57
CA LEU A 64 20.95 17.45 3.25
C LEU A 64 22.15 16.79 2.62
N PRO A 65 22.06 16.38 1.36
CA PRO A 65 23.17 15.73 0.71
C PRO A 65 24.39 16.62 0.62
N TYR A 66 25.53 16.10 1.01
CA TYR A 66 26.79 16.80 0.71
C TYR A 66 26.90 17.09 -0.80
N ASP A 67 27.37 18.27 -1.16
CA ASP A 67 27.50 18.68 -2.53
C ASP A 67 28.38 17.73 -3.32
N TYR A 68 29.48 17.26 -2.71
CA TYR A 68 30.53 16.58 -3.48
C TYR A 68 30.04 15.19 -3.97
N SER A 69 29.14 14.58 -3.21
CA SER A 69 28.60 13.25 -3.52
C SER A 69 27.12 13.21 -3.94
N ARG A 70 26.50 14.36 -4.11
CA ARG A 70 25.09 14.42 -4.45
C ARG A 70 24.84 13.80 -5.82
N VAL A 71 23.65 13.25 -6.00
CA VAL A 71 23.29 12.69 -7.29
C VAL A 71 22.70 13.84 -8.11
N GLU A 72 23.34 14.16 -9.24
CA GLU A 72 22.86 15.22 -10.07
C GLU A 72 21.97 14.67 -11.18
N LEU A 73 20.84 15.30 -11.39
CA LEU A 73 19.95 14.95 -12.49
C LEU A 73 20.13 15.82 -13.73
N SER A 74 19.88 15.20 -14.86
CA SER A 74 20.03 15.85 -16.18
C SER A 74 19.01 15.38 -17.18
N LEU A 75 18.30 14.29 -16.89
CA LEU A 75 17.28 13.78 -17.76
C LEU A 75 16.14 14.80 -17.75
N ILE A 76 15.74 15.25 -18.96
CA ILE A 76 14.73 16.30 -19.17
C ILE A 76 14.90 17.40 -18.12
N THR A 77 15.98 18.17 -18.24
CA THR A 77 16.32 19.24 -17.29
C THR A 77 15.35 20.42 -17.37
N ASP A 79 13.93 23.76 -16.28
CA ASP A 79 14.08 24.50 -15.00
C ASP A 79 15.56 24.44 -14.51
N GLU A 80 16.02 25.48 -13.83
CA GLU A 80 17.45 25.61 -13.48
C GLU A 80 17.85 24.80 -12.24
N ASP A 81 16.90 24.56 -11.33
CA ASP A 81 17.18 23.73 -10.16
C ASP A 81 16.64 22.32 -10.31
N SER A 82 16.15 21.98 -11.51
CA SER A 82 15.65 20.63 -11.80
C SER A 82 16.74 19.55 -11.76
N SER A 83 17.99 19.96 -11.52
CA SER A 83 19.12 19.06 -11.33
C SER A 83 19.19 18.41 -9.93
N TYR A 84 18.41 18.93 -8.98
CA TYR A 84 18.55 18.57 -7.56
C TYR A 84 17.63 17.44 -7.11
N ILE A 85 18.23 16.48 -6.44
CA ILE A 85 17.50 15.50 -5.63
C ILE A 85 18.26 15.21 -4.31
N ASN A 86 17.50 14.90 -3.28
CA ASN A 86 18.05 14.54 -1.99
C ASN A 86 18.51 13.07 -2.03
N ALA A 87 19.75 12.88 -2.47
CA ALA A 87 20.34 11.56 -2.69
C ALA A 87 21.84 11.76 -2.77
N ASN A 88 22.60 10.75 -2.32
CA ASN A 88 24.05 10.75 -2.51
C ASN A 88 24.51 9.41 -3.06
N PHE A 89 25.50 9.45 -3.94
CA PHE A 89 26.23 8.25 -4.32
C PHE A 89 27.06 7.82 -3.14
N ILE A 90 27.09 6.51 -2.94
CA ILE A 90 27.94 5.85 -1.94
C ILE A 90 28.90 4.91 -2.70
N LYS A 91 30.19 4.96 -2.37
CA LYS A 91 31.17 4.10 -3.04
C LYS A 91 30.98 2.62 -2.61
N GLY A 92 31.22 1.75 -3.57
CA GLY A 92 31.29 0.33 -3.30
C GLY A 92 32.72 -0.06 -3.12
N VAL A 93 32.94 -1.35 -2.96
CA VAL A 93 34.25 -1.84 -2.63
C VAL A 93 35.29 -1.58 -3.76
N TYR A 94 34.84 -1.52 -5.00
CA TYR A 94 35.69 -1.32 -6.17
C TYR A 94 35.71 0.06 -6.78
N GLY A 95 34.79 0.93 -6.39
CA GLY A 95 34.70 2.20 -7.08
C GLY A 95 33.48 2.98 -6.69
N PRO A 96 33.37 4.17 -7.27
CA PRO A 96 32.27 5.01 -6.84
C PRO A 96 30.93 4.55 -7.39
N LYS A 97 29.89 5.08 -6.78
CA LYS A 97 28.52 4.97 -7.28
C LYS A 97 27.97 3.53 -7.26
N ALA A 98 28.42 2.70 -6.35
CA ALA A 98 27.77 1.39 -6.15
C ALA A 98 26.35 1.50 -5.66
N TYR A 99 26.06 2.51 -4.85
CA TYR A 99 24.74 2.71 -4.22
C TYR A 99 24.31 4.15 -4.42
N ILE A 100 23.00 4.33 -4.52
CA ILE A 100 22.39 5.63 -4.31
C ILE A 100 21.56 5.54 -3.04
N ALA A 101 21.92 6.38 -2.06
CA ALA A 101 21.22 6.49 -0.79
C ALA A 101 20.34 7.71 -0.85
N THR A 102 19.03 7.51 -0.77
CA THR A 102 18.11 8.62 -0.96
C THR A 102 16.98 8.55 0.06
N GLN A 103 16.23 9.65 0.14
CA GLN A 103 15.03 9.71 0.98
C GLN A 103 13.83 9.06 0.28
N GLY A 104 12.80 8.80 1.08
CA GLY A 104 11.52 8.39 0.52
C GLY A 104 10.95 9.60 -0.19
N PRO A 105 10.59 9.44 -1.47
CA PRO A 105 10.11 10.59 -2.19
C PRO A 105 8.89 11.29 -1.63
N LEU A 106 8.86 12.59 -1.89
CA LEU A 106 7.77 13.47 -1.54
C LEU A 106 6.82 13.58 -2.74
N SER A 107 5.59 14.07 -2.52
CA SER A 107 4.67 14.12 -3.66
C SER A 107 5.31 15.00 -4.74
N THR A 108 6.09 15.98 -4.28
CA THR A 108 6.80 16.91 -5.16
C THR A 108 8.06 16.36 -5.84
N THR A 109 8.58 15.22 -5.37
CA THR A 109 9.81 14.62 -5.94
C THR A 109 9.64 13.22 -6.59
N LEU A 110 8.40 12.80 -6.80
CA LEU A 110 8.11 11.51 -7.43
C LEU A 110 8.68 11.43 -8.87
N LEU A 111 8.48 12.50 -9.62
CA LEU A 111 9.03 12.58 -10.97
C LEU A 111 10.54 12.59 -10.89
N ASP A 112 11.07 13.35 -9.95
CA ASP A 112 12.55 13.43 -9.82
C ASP A 112 13.16 12.08 -9.49
N PHE A 113 12.53 11.37 -8.56
CA PHE A 113 12.87 9.98 -8.24
C PHE A 113 12.95 9.08 -9.48
N TRP A 114 11.90 9.01 -10.31
CA TRP A 114 11.98 8.18 -11.48
C TRP A 114 12.98 8.70 -12.50
N ARG A 115 13.17 10.00 -12.61
CA ARG A 115 14.20 10.51 -13.52
C ARG A 115 15.58 9.96 -13.10
N MET A 116 15.84 10.02 -11.80
CA MET A 116 17.08 9.48 -11.25
C MET A 116 17.28 7.98 -11.58
N ILE A 117 16.26 7.20 -11.26
CA ILE A 117 16.29 5.80 -11.51
C ILE A 117 16.55 5.51 -12.97
N TRP A 118 15.91 6.26 -13.85
CA TRP A 118 16.06 6.05 -15.28
C TRP A 118 17.45 6.48 -15.78
N GLU A 119 17.85 7.69 -15.41
CA GLU A 119 19.10 8.31 -15.88
C GLU A 119 20.30 7.47 -15.51
N TYR A 120 20.26 6.87 -14.33
CA TYR A 120 21.40 6.07 -13.84
C TYR A 120 21.28 4.55 -14.07
N SER A 121 20.27 4.16 -14.84
CA SER A 121 20.06 2.78 -15.24
C SER A 121 19.95 1.80 -14.08
N VAL A 122 19.38 2.26 -12.97
CA VAL A 122 19.22 1.45 -11.80
C VAL A 122 18.27 0.29 -12.08
N LEU A 123 18.61 -0.89 -11.58
CA LEU A 123 17.75 -2.09 -11.68
C LEU A 123 16.99 -2.38 -10.41
N ILE A 124 17.64 -2.12 -9.29
CA ILE A 124 17.18 -2.55 -7.99
C ILE A 124 16.95 -1.36 -7.11
N ILE A 125 15.79 -1.38 -6.48
CA ILE A 125 15.38 -0.46 -5.43
C ILE A 125 15.07 -1.24 -4.15
N VAL A 126 15.76 -0.86 -3.09
CA VAL A 126 15.52 -1.36 -1.75
C VAL A 126 14.85 -0.26 -0.87
N MET A 127 13.59 -0.54 -0.53
CA MET A 127 12.78 0.30 0.36
C MET A 127 12.78 -0.32 1.75
N ALA A 128 13.36 0.38 2.71
CA ALA A 128 13.39 -0.09 4.10
C ALA A 128 12.56 0.79 5.02
N CYS A 129 11.34 1.07 4.61
CA CYS A 129 10.36 1.72 5.48
C CYS A 129 8.93 1.32 5.05
N MET A 130 7.99 1.60 5.94
CA MET A 130 6.55 1.49 5.62
C MET A 130 6.11 2.82 5.08
N GLU A 131 4.98 2.84 4.37
CA GLU A 131 4.37 4.09 4.00
C GLU A 131 4.05 4.98 5.18
N TYR A 132 3.51 4.38 6.22
CA TYR A 132 3.15 5.10 7.46
C TYR A 132 3.92 4.52 8.65
N GLU A 133 4.56 5.40 9.46
CA GLU A 133 5.20 4.94 10.69
C GLU A 133 4.91 5.87 11.84
N MET A 134 4.51 5.31 12.97
CA MET A 134 4.07 6.10 14.11
C MET A 134 2.93 7.03 13.68
N GLY A 135 2.09 6.53 12.78
CA GLY A 135 1.00 7.30 12.21
C GLY A 135 1.31 8.44 11.24
N LYS A 136 2.60 8.65 10.92
CA LYS A 136 2.97 9.74 10.03
C LYS A 136 3.30 9.14 8.66
N LYS A 137 3.00 9.86 7.57
CA LYS A 137 3.38 9.35 6.25
C LYS A 137 4.89 9.52 6.03
N LYS A 138 5.56 8.42 5.64
CA LYS A 138 7.02 8.37 5.56
C LYS A 138 7.58 8.30 4.14
N CYS A 139 6.72 8.03 3.16
CA CYS A 139 7.17 7.82 1.78
C CYS A 139 5.97 7.90 0.89
N GLU A 140 6.02 8.66 -0.20
CA GLU A 140 4.91 8.66 -1.17
C GLU A 140 5.01 7.44 -2.11
N ARG A 141 3.86 7.03 -2.64
CA ARG A 141 3.77 5.86 -3.55
C ARG A 141 4.41 6.17 -4.90
N TYR A 142 5.52 5.50 -5.18
CA TYR A 142 6.22 5.64 -6.45
C TYR A 142 6.12 4.36 -7.24
N TRP A 143 5.62 3.30 -6.61
CA TRP A 143 5.55 1.97 -7.22
C TRP A 143 4.11 1.67 -7.61
N ALA A 144 3.93 0.64 -8.44
CA ALA A 144 2.63 0.07 -8.77
C ALA A 144 2.46 -1.32 -8.12
N GLU A 145 1.20 -1.73 -7.95
CA GLU A 145 0.89 -3.03 -7.38
C GLU A 145 0.02 -3.76 -8.38
N PRO A 146 -0.02 -5.11 -8.27
CA PRO A 146 -0.83 -5.87 -9.24
C PRO A 146 -2.33 -5.52 -9.26
N GLY A 147 -2.89 -5.39 -10.45
CA GLY A 147 -4.27 -5.02 -10.65
C GLY A 147 -4.43 -3.53 -10.85
N GLU A 148 -3.40 -2.73 -10.57
CA GLU A 148 -3.53 -1.27 -10.70
C GLU A 148 -3.24 -0.71 -12.10
N MET A 149 -2.72 -1.53 -12.99
CA MET A 149 -2.27 -1.05 -14.31
C MET A 149 -1.11 -0.06 -14.13
N GLN A 150 -1.02 0.93 -15.01
CA GLN A 150 0.05 1.94 -14.96
C GLN A 150 -0.31 3.08 -14.01
N LEU A 151 0.66 3.48 -13.21
CA LEU A 151 0.66 4.79 -12.59
C LEU A 151 1.51 5.69 -13.48
N GLU A 152 1.23 6.97 -13.41
CA GLU A 152 1.84 7.93 -14.32
C GLU A 152 2.56 8.98 -13.48
N PHE A 153 3.85 9.19 -13.78
CA PHE A 153 4.62 10.25 -13.09
C PHE A 153 5.28 11.00 -14.20
N GLY A 154 4.69 12.11 -14.59
CA GLY A 154 5.03 12.76 -15.85
C GLY A 154 5.11 11.75 -16.98
N PRO A 155 6.24 11.71 -17.68
CA PRO A 155 6.39 10.81 -18.82
C PRO A 155 6.70 9.36 -18.46
N PHE A 156 6.86 9.03 -17.19
CA PHE A 156 7.11 7.66 -16.76
C PHE A 156 5.81 6.93 -16.47
N SER A 157 5.64 5.76 -17.09
CA SER A 157 4.53 4.87 -16.75
C SER A 157 5.07 3.67 -16.01
N VAL A 158 4.52 3.43 -14.80
CA VAL A 158 4.97 2.36 -13.92
C VAL A 158 3.85 1.36 -13.61
N SER A 159 4.11 0.09 -13.88
CA SER A 159 3.16 -0.99 -13.60
C SER A 159 3.88 -2.14 -12.89
N CYS A 160 3.12 -3.06 -12.32
CA CYS A 160 3.69 -4.18 -11.61
C CYS A 160 3.21 -5.48 -12.23
N GLU A 161 4.17 -6.25 -12.76
CA GLU A 161 3.92 -7.55 -13.34
C GLU A 161 3.67 -8.66 -12.31
N ALA A 162 4.47 -8.67 -11.26
CA ALA A 162 4.48 -9.73 -10.29
C ALA A 162 4.94 -9.20 -8.94
N GLU A 163 4.42 -9.79 -7.86
CA GLU A 163 4.90 -9.60 -6.50
C GLU A 163 5.28 -10.96 -5.94
N LYS A 164 6.46 -11.03 -5.33
CA LYS A 164 6.86 -12.22 -4.55
C LYS A 164 6.82 -11.82 -3.08
N ARG A 165 5.98 -12.47 -2.31
CA ARG A 165 5.83 -12.16 -0.91
C ARG A 165 6.63 -13.11 -0.08
N LYS A 166 7.66 -12.61 0.56
CA LYS A 166 8.41 -13.41 1.51
C LYS A 166 8.04 -13.04 2.93
N SER A 167 8.69 -13.67 3.90
CA SER A 167 8.35 -13.47 5.32
C SER A 167 8.31 -12.00 5.70
N ASP A 168 9.40 -11.29 5.41
CA ASP A 168 9.55 -9.91 5.88
C ASP A 168 9.68 -8.85 4.80
N TYR A 169 9.56 -9.25 3.54
CA TYR A 169 9.69 -8.30 2.45
C TYR A 169 8.99 -8.80 1.26
N ILE A 170 8.75 -7.87 0.35
CA ILE A 170 8.07 -8.15 -0.91
C ILE A 170 9.03 -7.76 -2.01
N ILE A 171 9.13 -8.61 -3.03
CA ILE A 171 9.84 -8.28 -4.23
C ILE A 171 8.85 -8.04 -5.36
N ARG A 172 8.78 -6.78 -5.78
CA ARG A 172 7.90 -6.33 -6.85
C ARG A 172 8.68 -6.23 -8.13
N THR A 173 8.17 -6.91 -9.16
CA THR A 173 8.71 -6.80 -10.52
C THR A 173 7.99 -5.69 -11.24
N LEU A 174 8.65 -4.53 -11.35
CA LEU A 174 8.01 -3.36 -11.94
C LEU A 174 8.45 -3.21 -13.41
N LYS A 175 7.50 -2.73 -14.23
CA LYS A 175 7.76 -2.37 -15.62
C LYS A 175 7.69 -0.89 -15.78
N VAL A 176 8.79 -0.27 -16.16
CA VAL A 176 8.82 1.19 -16.28
C VAL A 176 9.01 1.57 -17.74
N LYS A 177 8.08 2.39 -18.26
CA LYS A 177 8.12 2.91 -19.65
C LYS A 177 8.42 4.40 -19.68
N PHE A 178 9.39 4.77 -20.51
CA PHE A 178 9.71 6.15 -20.84
C PHE A 178 10.06 6.24 -22.33
N ASN A 179 9.43 7.16 -23.05
CA ASN A 179 9.78 7.41 -24.48
C ASN A 179 9.72 6.14 -25.30
N SER A 180 8.71 5.32 -25.04
CA SER A 180 8.54 4.04 -25.71
C SER A 180 9.68 3.03 -25.42
N GLU A 181 10.51 3.26 -24.41
CA GLU A 181 11.38 2.21 -23.94
C GLU A 181 10.78 1.61 -22.66
N THR A 182 10.85 0.29 -22.50
CA THR A 182 10.41 -0.37 -21.26
C THR A 182 11.59 -1.03 -20.54
N ARG A 183 11.70 -0.80 -19.24
CA ARG A 183 12.74 -1.40 -18.43
C ARG A 183 12.09 -2.20 -17.31
N THR A 184 12.76 -3.25 -16.84
CA THR A 184 12.36 -3.98 -15.66
C THR A 184 13.15 -3.45 -14.48
N ILE A 185 12.43 -3.08 -13.42
CA ILE A 185 13.02 -2.70 -12.15
C ILE A 185 12.53 -3.61 -11.04
N TYR A 186 13.42 -4.09 -10.17
CA TYR A 186 13.02 -4.87 -9.01
C TYR A 186 13.05 -4.07 -7.69
N GLN A 187 11.88 -3.91 -7.08
CA GLN A 187 11.77 -3.23 -5.79
C GLN A 187 11.60 -4.28 -4.69
N PHE A 188 12.49 -4.17 -3.71
CA PHE A 188 12.49 -5.01 -2.53
C PHE A 188 11.94 -4.13 -1.39
N HIS A 189 10.72 -4.40 -0.97
CA HIS A 189 10.10 -3.60 0.06
C HIS A 189 10.13 -4.38 1.36
N TYR A 190 11.04 -3.93 2.22
CA TYR A 190 11.30 -4.55 3.51
C TYR A 190 10.46 -3.84 4.53
N LYS A 191 9.52 -4.57 5.11
CA LYS A 191 8.50 -4.05 6.00
C LYS A 191 8.64 -4.66 7.39
N ASN A 192 9.82 -5.10 7.77
CA ASN A 192 10.14 -5.36 9.18
C ASN A 192 11.52 -4.76 9.46
N TRP A 193 12.00 -4.91 10.68
CA TRP A 193 13.36 -4.47 10.97
C TRP A 193 13.89 -5.31 12.15
N PRO A 194 15.16 -5.70 12.11
CA PRO A 194 15.71 -6.45 13.25
C PRO A 194 15.50 -5.80 14.62
N ASP A 195 15.23 -6.66 15.60
CA ASP A 195 14.88 -6.29 16.95
C ASP A 195 16.16 -6.39 17.79
N HIS A 196 16.51 -5.27 18.41
CA HIS A 196 17.67 -5.16 19.32
C HIS A 196 17.80 -6.34 20.30
N ASP A 197 16.66 -6.75 20.85
CA ASP A 197 16.57 -7.80 21.88
C ASP A 197 16.41 -9.22 21.32
N VAL A 198 16.81 -9.46 20.07
CA VAL A 198 16.66 -10.78 19.48
C VAL A 198 17.82 -11.02 18.50
N PRO A 199 18.90 -11.68 18.96
CA PRO A 199 20.08 -11.95 18.10
C PRO A 199 19.77 -12.63 16.76
N SER A 200 18.81 -13.53 16.75
CA SER A 200 18.40 -14.22 15.52
C SER A 200 17.60 -13.34 14.56
N SER A 201 17.13 -12.17 15.03
CA SER A 201 16.34 -11.27 14.19
C SER A 201 17.17 -10.60 13.09
N ILE A 202 18.50 -10.72 13.12
CA ILE A 202 19.33 -10.26 11.98
C ILE A 202 19.17 -11.17 10.76
N ASP A 203 18.76 -12.42 10.95
CA ASP A 203 18.70 -13.32 9.79
C ASP A 203 17.96 -12.75 8.56
N PRO A 204 16.77 -12.12 8.77
CA PRO A 204 16.02 -11.61 7.62
C PRO A 204 16.67 -10.49 6.88
N ILE A 205 17.43 -9.64 7.58
CA ILE A 205 18.13 -8.61 6.86
C ILE A 205 19.22 -9.19 5.96
N LEU A 206 19.94 -10.22 6.47
CA LEU A 206 20.90 -10.92 5.64
C LEU A 206 20.26 -11.64 4.50
N GLU A 207 19.07 -12.17 4.71
CA GLU A 207 18.33 -12.78 3.61
C GLU A 207 17.92 -11.81 2.54
N LEU A 208 17.52 -10.61 2.96
CA LEU A 208 17.15 -9.54 2.03
C LEU A 208 18.34 -9.22 1.12
N ILE A 209 19.50 -9.02 1.73
CA ILE A 209 20.67 -8.64 0.97
C ILE A 209 21.16 -9.78 0.08
N TRP A 210 21.10 -11.01 0.58
CA TRP A 210 21.33 -12.19 -0.25
C TRP A 210 20.45 -12.12 -1.49
N ASP A 211 19.15 -11.90 -1.33
CA ASP A 211 18.25 -11.95 -2.51
C ASP A 211 18.57 -10.82 -3.48
N VAL A 212 18.78 -9.64 -2.93
CA VAL A 212 19.20 -8.53 -3.75
C VAL A 212 20.37 -8.91 -4.66
N ARG A 213 21.39 -9.53 -4.08
CA ARG A 213 22.59 -9.88 -4.83
C ARG A 213 22.39 -11.08 -5.75
N CYS A 214 21.28 -11.80 -5.58
CA CYS A 214 20.85 -12.80 -6.55
C CYS A 214 20.39 -12.13 -7.84
N TYR A 215 19.80 -10.92 -7.73
CA TYR A 215 19.29 -10.18 -8.86
C TYR A 215 20.32 -9.31 -9.52
N GLN A 216 21.28 -8.82 -8.75
CA GLN A 216 22.44 -8.12 -9.30
C GLN A 216 23.66 -8.46 -8.50
N GLU A 217 24.56 -9.29 -9.04
CA GLU A 217 25.73 -9.73 -8.28
C GLU A 217 26.85 -8.69 -8.19
N ASP A 218 26.86 -7.75 -9.13
CA ASP A 218 27.99 -6.92 -9.45
C ASP A 218 27.63 -5.45 -9.24
N ASP A 219 28.48 -4.54 -9.75
CA ASP A 219 28.39 -3.11 -9.48
C ASP A 219 28.28 -2.28 -10.75
N SER A 220 27.77 -2.88 -11.83
CA SER A 220 27.70 -2.21 -13.12
C SER A 220 26.83 -0.97 -13.12
N VAL A 221 25.79 -0.98 -12.29
CA VAL A 221 24.85 0.14 -12.14
C VAL A 221 24.57 0.29 -10.63
N PRO A 222 24.23 1.50 -10.19
CA PRO A 222 23.95 1.66 -8.78
C PRO A 222 22.70 0.92 -8.33
N ILE A 223 22.73 0.47 -7.08
CA ILE A 223 21.57 0.01 -6.37
C ILE A 223 21.03 1.18 -5.52
N CYS A 224 19.73 1.47 -5.66
CA CYS A 224 19.09 2.53 -4.93
C CYS A 224 18.55 1.91 -3.63
N ILE A 225 18.95 2.55 -2.54
CA ILE A 225 18.48 2.21 -1.20
C ILE A 225 17.88 3.40 -0.57
N HIS A 226 16.64 3.25 -0.06
CA HIS A 226 16.02 4.31 0.70
C HIS A 226 15.21 3.82 1.89
N CYS A 227 15.02 4.72 2.84
CA CYS A 227 14.06 4.55 3.95
C CYS A 227 13.22 5.80 3.92
N SER A 228 12.99 6.47 5.05
CA SER A 228 12.22 7.71 4.97
C SER A 228 13.19 8.85 4.69
N ALA A 229 14.17 9.00 5.58
CA ALA A 229 15.22 10.02 5.44
C ALA A 229 16.37 9.63 4.51
N GLY A 230 16.58 8.33 4.28
CA GLY A 230 17.75 7.87 3.52
C GLY A 230 19.03 7.93 4.40
N CYS A 231 18.79 7.85 5.69
CA CYS A 231 19.82 7.64 6.69
CA CYS A 231 19.83 7.62 6.65
C CYS A 231 19.20 6.82 7.79
N GLY A 232 20.01 6.00 8.37
CA GLY A 232 19.60 5.10 9.45
C GLY A 232 19.58 3.72 8.83
N ARG A 233 18.36 3.24 8.59
CA ARG A 233 18.15 1.94 7.97
C ARG A 233 18.89 1.83 6.63
N THR A 234 18.86 2.90 5.83
CA THR A 234 19.59 2.88 4.52
C THR A 234 21.07 2.61 4.72
N GLY A 235 21.67 3.26 5.72
CA GLY A 235 23.08 3.11 6.00
C GLY A 235 23.40 1.72 6.50
N VAL A 236 22.50 1.14 7.30
CA VAL A 236 22.75 -0.21 7.83
C VAL A 236 22.89 -1.17 6.64
N ILE A 237 21.94 -1.08 5.72
CA ILE A 237 21.91 -1.96 4.56
C ILE A 237 23.15 -1.79 3.71
N CYS A 238 23.48 -0.55 3.42
CA CYS A 238 24.70 -0.22 2.68
CA CYS A 238 24.67 -0.26 2.66
C CYS A 238 25.94 -0.84 3.30
N ALA A 239 26.10 -0.66 4.61
CA ALA A 239 27.29 -1.10 5.33
C ALA A 239 27.42 -2.61 5.33
N ILE A 240 26.32 -3.30 5.57
CA ILE A 240 26.35 -4.77 5.59
C ILE A 240 26.68 -5.31 4.19
N ASP A 241 26.00 -4.78 3.19
CA ASP A 241 26.29 -5.18 1.82
C ASP A 241 27.73 -4.97 1.41
N TYR A 242 28.26 -3.79 1.67
CA TYR A 242 29.63 -3.47 1.38
C TYR A 242 30.57 -4.47 2.03
N THR A 243 30.33 -4.74 3.31
CA THR A 243 31.20 -5.67 4.01
C THR A 243 31.10 -7.07 3.40
N TRP A 244 29.88 -7.48 3.08
CA TRP A 244 29.70 -8.85 2.55
C TRP A 244 30.43 -8.98 1.20
N MET A 245 30.42 -7.91 0.40
CA MET A 245 31.17 -7.90 -0.86
C MET A 245 32.68 -8.06 -0.62
N LEU A 246 33.22 -7.39 0.41
CA LEU A 246 34.57 -7.60 0.76
C LEU A 246 34.88 -9.03 1.13
N LEU A 247 34.01 -9.57 1.99
CA LEU A 247 34.13 -10.99 2.41
C LEU A 247 34.11 -11.98 1.25
N LYS A 248 33.06 -11.89 0.44
CA LYS A 248 32.82 -12.79 -0.69
C LYS A 248 33.95 -12.71 -1.67
N ASP A 249 34.49 -11.50 -1.90
CA ASP A 249 35.58 -11.38 -2.89
C ASP A 249 37.00 -11.52 -2.33
N GLY A 250 37.12 -11.84 -1.06
CA GLY A 250 38.38 -12.12 -0.46
C GLY A 250 39.25 -10.88 -0.33
N ILE A 251 38.63 -9.73 -0.05
CA ILE A 251 39.38 -8.46 0.00
C ILE A 251 39.11 -7.67 1.29
N ILE A 252 38.80 -8.37 2.38
CA ILE A 252 38.72 -7.68 3.72
C ILE A 252 40.15 -7.19 4.01
N PRO A 253 40.30 -5.88 4.27
CA PRO A 253 41.65 -5.32 4.60
C PRO A 253 42.11 -5.72 5.99
N GLU A 254 43.42 -5.79 6.19
CA GLU A 254 43.93 -6.19 7.48
C GLU A 254 43.49 -5.19 8.56
N ASN A 255 43.28 -3.94 8.20
CA ASN A 255 42.84 -2.98 9.23
C ASN A 255 41.30 -2.87 9.45
N PHE A 256 40.54 -3.80 8.87
CA PHE A 256 39.05 -3.74 8.88
C PHE A 256 38.49 -3.49 10.28
N SER A 257 37.63 -2.49 10.35
CA SER A 257 36.80 -2.28 11.53
C SER A 257 35.44 -1.74 11.16
N VAL A 258 34.45 -2.09 12.00
CA VAL A 258 33.10 -1.58 11.82
C VAL A 258 33.10 -0.08 12.05
N PHE A 259 33.87 0.35 13.03
CA PHE A 259 34.01 1.81 13.27
C PHE A 259 34.47 2.55 12.00
N SER A 260 35.54 2.08 11.37
CA SER A 260 36.06 2.74 10.14
C SER A 260 35.07 2.68 8.99
N LEU A 261 34.36 1.55 8.87
CA LEU A 261 33.31 1.39 7.88
C LEU A 261 32.22 2.45 7.99
N ILE A 262 31.69 2.61 9.19
CA ILE A 262 30.65 3.60 9.47
C ILE A 262 31.14 5.04 9.37
N ARG A 263 32.34 5.29 9.86
CA ARG A 263 33.05 6.58 9.61
C ARG A 263 33.04 6.95 8.11
N GLU A 264 33.45 6.00 7.30
CA GLU A 264 33.52 6.16 5.86
C GLU A 264 32.19 6.46 5.21
N MET A 265 31.13 5.78 5.61
CA MET A 265 29.79 6.00 5.15
C MET A 265 29.28 7.41 5.47
N ARG A 266 29.41 7.79 6.75
CA ARG A 266 28.95 9.07 7.28
C ARG A 266 29.66 10.27 6.63
N THR A 267 30.79 10.05 5.94
CA THR A 267 31.41 11.10 5.14
C THR A 267 30.88 11.18 3.72
N GLN A 268 30.00 10.25 3.35
CA GLN A 268 29.42 10.29 2.01
C GLN A 268 27.94 10.69 1.95
N ARG A 269 27.21 10.43 3.02
CA ARG A 269 25.91 11.07 3.27
C ARG A 269 25.76 11.32 4.76
N PRO A 270 25.22 12.48 5.17
CA PRO A 270 25.13 12.77 6.61
C PRO A 270 24.31 11.73 7.33
N SER A 271 24.78 11.32 8.50
CA SER A 271 24.04 10.46 9.42
C SER A 271 23.65 9.15 8.80
N LEU A 272 24.44 8.73 7.82
CA LEU A 272 24.03 7.58 7.00
C LEU A 272 23.65 6.36 7.84
N VAL A 273 24.45 6.09 8.86
CA VAL A 273 23.99 5.27 10.02
C VAL A 273 23.83 6.28 11.19
N GLN A 274 22.63 6.35 11.75
CA GLN A 274 22.19 7.48 12.55
C GLN A 274 22.19 7.28 14.06
N THR A 275 22.08 6.03 14.52
CA THR A 275 21.93 5.74 15.98
C THR A 275 22.86 4.65 16.44
N GLN A 276 23.17 4.66 17.73
CA GLN A 276 23.93 3.60 18.35
C GLN A 276 23.31 2.21 18.12
N GLU A 277 21.98 2.09 18.18
CA GLU A 277 21.28 0.78 17.99
C GLU A 277 21.56 0.27 16.56
N GLN A 278 21.53 1.20 15.59
CA GLN A 278 21.83 0.84 14.23
C GLN A 278 23.31 0.42 14.07
N TYR A 279 24.20 1.17 14.71
CA TYR A 279 25.61 0.80 14.73
C TYR A 279 25.82 -0.62 15.24
N GLU A 280 25.11 -0.92 16.32
CA GLU A 280 25.21 -2.26 16.92
C GLU A 280 24.70 -3.34 16.00
N LEU A 281 23.62 -3.05 15.27
CA LEU A 281 23.07 -4.02 14.31
C LEU A 281 24.08 -4.31 13.21
N VAL A 282 24.77 -3.27 12.76
CA VAL A 282 25.77 -3.47 11.72
C VAL A 282 26.86 -4.39 12.28
N TYR A 283 27.37 -4.10 13.48
CA TYR A 283 28.40 -4.93 14.09
C TYR A 283 27.96 -6.38 14.16
N ASN A 284 26.76 -6.61 14.65
CA ASN A 284 26.29 -7.98 14.85
C ASN A 284 26.11 -8.70 13.55
N ALA A 285 25.57 -7.99 12.55
CA ALA A 285 25.42 -8.58 11.22
C ALA A 285 26.78 -8.90 10.59
N VAL A 286 27.72 -7.94 10.65
CA VAL A 286 29.11 -8.14 10.14
C VAL A 286 29.78 -9.36 10.80
N LEU A 287 29.72 -9.46 12.13
CA LEU A 287 30.27 -10.64 12.80
C LEU A 287 29.66 -11.96 12.30
N GLU A 288 28.35 -11.98 12.13
CA GLU A 288 27.72 -13.17 11.56
C GLU A 288 28.26 -13.47 10.16
N LEU A 289 28.40 -12.44 9.33
CA LEU A 289 28.96 -12.62 7.98
C LEU A 289 30.42 -13.16 7.97
N PHE A 290 31.24 -12.70 8.93
CA PHE A 290 32.63 -13.20 9.08
C PHE A 290 32.58 -14.69 9.43
N LYS A 291 31.67 -15.06 10.34
CA LYS A 291 31.48 -16.50 10.66
C LYS A 291 31.08 -17.33 9.43
N ARG A 292 30.06 -16.88 8.70
CA ARG A 292 29.67 -17.51 7.45
C ARG A 292 30.80 -17.61 6.40
N GLN A 293 31.62 -16.57 6.25
CA GLN A 293 32.71 -16.63 5.28
C GLN A 293 33.80 -17.58 5.76
N MET A 294 34.05 -17.61 7.06
CA MET A 294 35.00 -18.59 7.57
C MET A 294 34.54 -20.01 7.26
N ASP A 295 33.23 -20.26 7.33
CA ASP A 295 32.76 -21.59 7.00
C ASP A 295 33.02 -21.91 5.53
N VAL A 296 32.77 -20.95 4.65
CA VAL A 296 33.09 -21.10 3.20
C VAL A 296 34.56 -21.48 3.01
N ILE A 297 35.46 -20.76 3.71
CA ILE A 297 36.91 -21.06 3.66
C ILE A 297 37.24 -22.45 4.18
N ARG A 298 36.59 -22.84 5.29
CA ARG A 298 36.84 -24.12 5.89
C ARG A 298 36.42 -25.26 4.96
N ASP A 299 35.31 -25.08 4.29
CA ASP A 299 34.83 -26.13 3.34
C ASP A 299 35.63 -26.21 1.98
N LYS A 300 36.10 -25.06 1.53
CA LYS A 300 36.99 -25.00 0.36
C LYS A 300 38.33 -25.65 0.68
N HIS A 301 38.82 -25.43 1.91
CA HIS A 301 40.12 -25.96 2.38
C HIS A 301 40.10 -27.48 2.61
N SER A 302 38.90 -28.06 2.84
CA SER A 302 38.69 -29.51 2.74
C SER A 302 38.86 -30.04 1.32
N ALA A 303 38.86 -29.12 0.34
CA ALA A 303 39.26 -29.41 -1.06
C ALA A 303 38.20 -30.24 -1.77
N GLN B 3 -40.62 -22.53 -1.72
CA GLN B 3 -39.28 -22.00 -2.15
C GLN B 3 -38.67 -22.97 -3.16
N ARG B 4 -38.79 -24.26 -2.88
CA ARG B 4 -38.23 -25.29 -3.74
C ARG B 4 -38.68 -25.16 -5.18
N GLU B 5 -39.92 -24.70 -5.36
CA GLU B 5 -40.57 -24.81 -6.65
C GLU B 5 -40.22 -23.58 -7.44
N ILE B 6 -40.39 -22.42 -6.78
CA ILE B 6 -40.04 -21.09 -7.30
C ILE B 6 -38.61 -21.05 -7.83
N LEU B 7 -37.70 -21.60 -7.02
CA LEU B 7 -36.29 -21.67 -7.39
C LEU B 7 -36.17 -22.54 -8.63
N GLN B 8 -36.88 -23.66 -8.66
CA GLN B 8 -36.80 -24.53 -9.82
C GLN B 8 -37.46 -23.89 -11.06
N LYS B 9 -38.46 -23.03 -10.84
CA LYS B 9 -39.09 -22.27 -11.92
C LYS B 9 -38.02 -21.38 -12.52
N PHE B 10 -37.44 -20.53 -11.67
CA PHE B 10 -36.39 -19.59 -12.06
C PHE B 10 -35.26 -20.29 -12.80
N LEU B 11 -34.84 -21.43 -12.28
CA LEU B 11 -33.74 -22.19 -12.86
C LEU B 11 -34.17 -22.78 -14.20
N ASP B 12 -35.40 -23.30 -14.26
CA ASP B 12 -35.91 -23.91 -15.50
C ASP B 12 -36.08 -22.82 -16.56
N GLU B 13 -36.57 -21.64 -16.19
CA GLU B 13 -36.61 -20.52 -17.13
C GLU B 13 -35.20 -20.21 -17.70
N ALA B 14 -34.21 -20.03 -16.84
CA ALA B 14 -32.87 -19.73 -17.30
C ALA B 14 -32.30 -20.83 -18.23
N GLN B 15 -32.55 -22.11 -17.93
CA GLN B 15 -32.11 -23.20 -18.79
C GLN B 15 -32.91 -23.20 -20.11
N SER B 16 -34.19 -22.83 -20.03
CA SER B 16 -35.11 -22.92 -21.17
C SER B 16 -34.90 -21.81 -22.18
N LYS B 17 -34.56 -20.65 -21.67
CA LYS B 17 -34.29 -19.47 -22.52
C LYS B 17 -33.07 -18.69 -22.02
N LYS B 18 -31.98 -18.79 -22.78
CA LYS B 18 -30.75 -18.06 -22.44
C LYS B 18 -30.89 -16.59 -22.87
N ILE B 19 -30.35 -15.70 -22.04
CA ILE B 19 -30.43 -14.26 -22.24
C ILE B 19 -29.21 -13.86 -23.03
N THR B 20 -29.43 -13.23 -24.17
CA THR B 20 -28.37 -12.79 -25.06
C THR B 20 -27.82 -11.45 -24.63
N LYS B 21 -26.63 -11.13 -25.16
CA LYS B 21 -26.04 -9.81 -25.02
C LYS B 21 -26.94 -8.65 -25.42
N GLU B 22 -27.58 -8.80 -26.57
CA GLU B 22 -28.53 -7.79 -26.98
C GLU B 22 -29.71 -7.66 -26.00
N GLU B 23 -30.21 -8.78 -25.44
CA GLU B 23 -31.30 -8.75 -24.45
C GLU B 23 -30.86 -7.99 -23.19
N PHE B 24 -29.64 -8.27 -22.72
CA PHE B 24 -29.09 -7.52 -21.59
C PHE B 24 -28.94 -6.00 -21.88
N ALA B 25 -28.51 -5.67 -23.09
CA ALA B 25 -28.34 -4.25 -23.50
C ALA B 25 -29.69 -3.54 -23.44
N ASN B 26 -30.73 -4.22 -23.92
CA ASN B 26 -32.08 -3.67 -23.99
C ASN B 26 -32.60 -3.54 -22.59
N GLU B 27 -32.35 -4.54 -21.78
CA GLU B 27 -32.76 -4.36 -20.38
C GLU B 27 -32.11 -3.17 -19.67
N PHE B 28 -30.80 -3.06 -19.83
CA PHE B 28 -30.08 -2.04 -19.16
C PHE B 28 -30.49 -0.64 -19.65
N LEU B 29 -30.84 -0.52 -20.93
CA LEU B 29 -31.32 0.75 -21.49
C LEU B 29 -32.59 1.24 -20.80
N LYS B 30 -33.49 0.32 -20.48
CA LYS B 30 -34.72 0.68 -19.79
C LYS B 30 -34.42 1.22 -18.40
N LEU B 31 -33.37 0.73 -17.78
CA LEU B 31 -32.99 1.20 -16.47
C LEU B 31 -32.47 2.63 -16.57
N LYS B 32 -31.69 2.91 -17.60
CA LYS B 32 -31.15 4.24 -17.81
C LYS B 32 -32.25 5.21 -18.15
N ARG B 33 -33.19 4.75 -18.97
CA ARG B 33 -34.42 5.47 -19.33
C ARG B 33 -35.20 5.93 -18.07
N GLN B 34 -35.32 5.04 -17.08
CA GLN B 34 -36.01 5.36 -15.81
C GLN B 34 -35.30 6.48 -15.08
N SER B 35 -33.99 6.41 -15.06
CA SER B 35 -33.18 7.46 -14.45
C SER B 35 -33.41 8.82 -15.11
N THR B 36 -33.37 8.84 -16.44
CA THR B 36 -33.69 10.05 -17.20
C THR B 36 -35.01 10.64 -16.78
N LYS B 37 -36.02 9.80 -16.65
CA LYS B 37 -37.39 10.26 -16.39
C LYS B 37 -37.44 10.80 -14.93
N TYR B 38 -36.72 10.16 -14.00
CA TYR B 38 -36.61 10.68 -12.61
C TYR B 38 -36.04 12.08 -12.56
N LYS B 39 -34.99 12.29 -13.34
CA LYS B 39 -34.33 13.61 -13.38
C LYS B 39 -35.31 14.65 -13.89
N ALA B 40 -35.98 14.36 -15.00
CA ALA B 40 -37.01 15.22 -15.55
C ALA B 40 -38.14 15.53 -14.57
N ASP B 41 -38.62 14.51 -13.88
CA ASP B 41 -39.72 14.68 -12.93
C ASP B 41 -39.28 15.28 -11.61
N LYS B 42 -37.97 15.37 -11.38
CA LYS B 42 -37.39 15.76 -10.09
C LYS B 42 -37.81 14.86 -8.93
N THR B 43 -37.93 13.57 -9.20
CA THR B 43 -38.43 12.60 -8.20
C THR B 43 -37.51 12.51 -7.06
N TYR B 44 -36.22 12.56 -7.34
CA TYR B 44 -35.16 12.29 -6.35
C TYR B 44 -34.12 13.41 -6.35
N PRO B 45 -34.50 14.58 -5.85
CA PRO B 45 -33.56 15.70 -5.83
C PRO B 45 -32.26 15.40 -5.08
N THR B 46 -31.22 16.12 -5.49
CA THR B 46 -29.85 16.01 -4.97
C THR B 46 -29.39 17.41 -4.52
N THR B 47 -30.30 18.13 -3.88
CA THR B 47 -30.06 19.55 -3.59
C THR B 47 -28.90 19.74 -2.60
N VAL B 48 -28.79 18.85 -1.62
CA VAL B 48 -27.79 19.02 -0.57
C VAL B 48 -26.39 18.83 -1.17
N ALA B 49 -26.22 17.79 -1.98
CA ALA B 49 -24.94 17.44 -2.60
C ALA B 49 -24.45 18.55 -3.52
N GLU B 50 -25.40 19.33 -4.08
CA GLU B 50 -25.09 20.40 -4.98
C GLU B 50 -24.79 21.73 -4.34
N LYS B 51 -25.02 21.89 -3.04
CA LYS B 51 -24.66 23.16 -2.40
C LYS B 51 -23.15 23.41 -2.56
N PRO B 52 -22.73 24.69 -2.78
CA PRO B 52 -21.30 25.04 -2.79
C PRO B 52 -20.46 24.53 -1.65
N LYS B 53 -21.02 24.49 -0.44
CA LYS B 53 -20.29 24.03 0.71
C LYS B 53 -19.94 22.56 0.55
N ASN B 54 -20.72 21.82 -0.22
CA ASN B 54 -20.56 20.33 -0.31
C ASN B 54 -20.10 19.78 -1.65
N ILE B 55 -20.19 20.59 -2.70
CA ILE B 55 -19.95 20.07 -4.05
C ILE B 55 -18.53 19.45 -4.28
N LYS B 56 -17.52 19.99 -3.64
CA LYS B 56 -16.16 19.47 -3.70
C LYS B 56 -15.93 18.23 -2.80
N LYS B 57 -16.93 17.83 -2.03
CA LYS B 57 -16.85 16.66 -1.23
C LYS B 57 -17.29 15.44 -2.05
N ASN B 58 -17.59 15.64 -3.32
CA ASN B 58 -18.01 14.58 -4.25
C ASN B 58 -16.87 14.23 -5.17
N ARG B 59 -16.49 12.96 -5.16
CA ARG B 59 -15.37 12.50 -5.98
C ARG B 59 -15.67 12.70 -7.40
N TYR B 60 -16.93 12.42 -7.79
CA TYR B 60 -17.36 12.51 -9.17
C TYR B 60 -18.54 13.43 -9.27
N LYS B 61 -18.45 14.42 -10.15
CA LYS B 61 -19.46 15.51 -10.17
C LYS B 61 -20.88 15.06 -10.60
N ASP B 62 -20.92 13.96 -11.34
CA ASP B 62 -22.16 13.35 -11.83
C ASP B 62 -22.79 12.37 -10.85
N ILE B 63 -22.12 12.02 -9.76
CA ILE B 63 -22.64 11.04 -8.84
C ILE B 63 -22.96 11.72 -7.53
N LEU B 64 -24.22 12.14 -7.37
CA LEU B 64 -24.61 12.84 -6.16
C LEU B 64 -25.64 12.05 -5.43
N PRO B 65 -25.51 11.91 -4.10
CA PRO B 65 -26.57 11.19 -3.37
C PRO B 65 -27.91 11.88 -3.40
N TYR B 66 -28.95 11.09 -3.62
CA TYR B 66 -30.28 11.55 -3.47
C TYR B 66 -30.47 12.07 -2.08
N ASP B 67 -31.12 13.22 -1.96
CA ASP B 67 -31.44 13.80 -0.63
C ASP B 67 -32.16 12.82 0.29
N TYR B 68 -33.19 12.14 -0.21
CA TYR B 68 -34.11 11.42 0.68
C TYR B 68 -33.42 10.24 1.36
N SER B 69 -32.40 9.67 0.74
CA SER B 69 -31.68 8.50 1.30
C SER B 69 -30.24 8.75 1.74
N ARG B 70 -29.80 10.01 1.74
CA ARG B 70 -28.42 10.31 2.04
C ARG B 70 -28.14 10.05 3.53
N VAL B 71 -26.88 9.77 3.83
CA VAL B 71 -26.46 9.53 5.19
C VAL B 71 -26.06 10.87 5.72
N GLU B 72 -26.72 11.31 6.78
CA GLU B 72 -26.40 12.56 7.45
C GLU B 72 -25.50 12.32 8.63
N LEU B 73 -24.51 13.19 8.81
CA LEU B 73 -23.58 13.11 9.93
C LEU B 73 -23.89 14.13 10.99
N SER B 74 -23.94 13.71 12.24
CA SER B 74 -24.19 14.61 13.37
C SER B 74 -23.16 14.51 14.50
N LEU B 75 -22.20 13.59 14.37
CA LEU B 75 -21.14 13.43 15.38
C LEU B 75 -20.15 14.57 15.27
N ILE B 76 -20.13 15.43 16.28
CA ILE B 76 -19.28 16.61 16.25
C ILE B 76 -17.99 16.27 16.94
N THR B 77 -16.90 16.40 16.19
CA THR B 77 -15.56 16.29 16.74
C THR B 77 -14.85 17.63 16.73
N SER B 78 -15.46 18.65 16.12
CA SER B 78 -14.81 19.97 16.00
C SER B 78 -15.72 20.95 15.32
N ASP B 79 -15.35 22.22 15.40
CA ASP B 79 -16.18 23.30 14.86
C ASP B 79 -16.30 23.25 13.37
N GLU B 80 -15.35 22.58 12.71
CA GLU B 80 -15.30 22.48 11.25
C GLU B 80 -16.16 21.35 10.69
N ASP B 81 -16.52 20.39 11.54
CA ASP B 81 -17.36 19.25 11.11
C ASP B 81 -18.73 19.71 10.62
N SER B 82 -19.11 19.22 9.45
CA SER B 82 -20.47 19.39 8.89
C SER B 82 -21.19 18.04 8.61
N SER B 83 -22.44 18.12 8.15
CA SER B 83 -23.33 16.94 8.13
C SER B 83 -23.33 16.17 6.81
N TYR B 84 -22.61 16.68 5.81
CA TYR B 84 -22.64 16.09 4.46
C TYR B 84 -21.53 15.06 4.22
N ILE B 85 -21.93 13.90 3.73
CA ILE B 85 -21.01 12.95 3.08
C ILE B 85 -21.67 12.33 1.85
N ASN B 86 -20.88 12.01 0.85
CA ASN B 86 -21.41 11.35 -0.34
C ASN B 86 -21.64 9.87 -0.03
N ALA B 87 -22.85 9.58 0.41
CA ALA B 87 -23.24 8.23 0.88
C ALA B 87 -24.73 8.15 0.88
N ASN B 88 -25.25 6.97 0.57
CA ASN B 88 -26.69 6.74 0.74
C ASN B 88 -26.94 5.41 1.49
N PHE B 89 -28.01 5.37 2.28
CA PHE B 89 -28.55 4.14 2.83
C PHE B 89 -29.19 3.38 1.69
N ILE B 90 -28.96 2.07 1.67
CA ILE B 90 -29.68 1.16 0.83
C ILE B 90 -30.46 0.16 1.71
N LYS B 91 -31.72 -0.07 1.38
CA LYS B 91 -32.60 -0.96 2.14
C LYS B 91 -32.19 -2.42 1.97
N GLY B 92 -32.32 -3.18 3.05
CA GLY B 92 -32.12 -4.63 2.99
C GLY B 92 -33.43 -5.35 2.87
N VAL B 93 -33.37 -6.68 3.05
CA VAL B 93 -34.54 -7.51 2.93
C VAL B 93 -35.59 -7.14 3.96
N TYR B 94 -35.14 -6.74 5.17
CA TYR B 94 -35.99 -6.61 6.30
C TYR B 94 -36.25 -5.18 6.71
N GLY B 95 -35.53 -4.29 6.15
CA GLY B 95 -35.67 -2.91 6.58
C GLY B 95 -34.67 -1.98 5.99
N PRO B 96 -34.77 -0.71 6.40
CA PRO B 96 -33.93 0.30 5.88
C PRO B 96 -32.58 0.20 6.56
N LYS B 97 -31.63 0.84 5.93
CA LYS B 97 -30.27 1.00 6.44
C LYS B 97 -29.46 -0.30 6.66
N ALA B 98 -29.70 -1.31 5.81
CA ALA B 98 -28.85 -2.50 5.83
C ALA B 98 -27.46 -2.19 5.29
N TYR B 99 -27.35 -1.30 4.28
CA TYR B 99 -26.07 -0.95 3.70
C TYR B 99 -25.92 0.55 3.65
N ILE B 100 -24.69 0.99 3.79
CA ILE B 100 -24.27 2.34 3.37
C ILE B 100 -23.43 2.18 2.14
N ALA B 101 -23.90 2.79 1.05
CA ALA B 101 -23.17 2.79 -0.24
C ALA B 101 -22.48 4.15 -0.32
N THR B 102 -21.16 4.12 -0.43
CA THR B 102 -20.40 5.37 -0.38
C THR B 102 -19.24 5.35 -1.35
N GLN B 103 -18.63 6.52 -1.53
CA GLN B 103 -17.49 6.67 -2.42
C GLN B 103 -16.20 6.40 -1.63
N GLY B 104 -15.10 6.20 -2.35
CA GLY B 104 -13.80 6.08 -1.74
C GLY B 104 -13.43 7.48 -1.23
N PRO B 105 -13.16 7.61 0.07
CA PRO B 105 -12.95 8.98 0.55
C PRO B 105 -11.83 9.75 -0.11
N LEU B 106 -12.00 11.08 -0.12
CA LEU B 106 -11.00 12.04 -0.55
C LEU B 106 -10.15 12.46 0.64
N SER B 107 -9.00 13.09 0.37
CA SER B 107 -8.17 13.60 1.49
C SER B 107 -9.03 14.41 2.46
N THR B 108 -9.95 15.19 1.88
CA THR B 108 -10.72 16.11 2.69
C THR B 108 -11.93 15.47 3.32
N THR B 109 -12.23 14.21 3.00
CA THR B 109 -13.39 13.51 3.58
C THR B 109 -13.06 12.28 4.41
N LEU B 110 -11.76 12.07 4.68
CA LEU B 110 -11.34 10.94 5.50
C LEU B 110 -11.91 11.01 6.91
N LEU B 111 -11.92 12.20 7.50
CA LEU B 111 -12.48 12.36 8.85
C LEU B 111 -13.98 12.19 8.80
N ASP B 112 -14.63 12.72 7.76
CA ASP B 112 -16.07 12.50 7.60
C ASP B 112 -16.42 10.98 7.50
N PHE B 113 -15.58 10.22 6.78
CA PHE B 113 -15.80 8.80 6.60
C PHE B 113 -15.77 8.09 7.98
N TRP B 114 -14.74 8.39 8.79
CA TRP B 114 -14.65 7.80 10.11
C TRP B 114 -15.75 8.27 11.02
N ARG B 115 -16.16 9.54 10.90
CA ARG B 115 -17.35 10.02 11.68
C ARG B 115 -18.64 9.20 11.36
N MET B 116 -18.81 8.84 10.09
CA MET B 116 -19.92 8.04 9.65
C MET B 116 -19.82 6.64 10.18
N ILE B 117 -18.64 6.03 9.98
CA ILE B 117 -18.41 4.70 10.47
C ILE B 117 -18.71 4.63 11.97
N TRP B 118 -18.22 5.61 12.72
CA TRP B 118 -18.38 5.62 14.18
C TRP B 118 -19.83 5.88 14.58
N GLU B 119 -20.43 6.93 14.00
CA GLU B 119 -21.81 7.34 14.38
C GLU B 119 -22.83 6.19 14.17
N TYR B 120 -22.66 5.45 13.10
CA TYR B 120 -23.64 4.37 12.78
C TYR B 120 -23.20 3.00 13.21
N SER B 121 -22.17 2.99 14.07
CA SER B 121 -21.60 1.76 14.65
C SER B 121 -21.36 0.67 13.63
N VAL B 122 -20.86 1.02 12.46
CA VAL B 122 -20.59 0.00 11.45
C VAL B 122 -19.48 -0.95 11.96
N LEU B 123 -19.63 -2.26 11.72
CA LEU B 123 -18.61 -3.25 12.00
C LEU B 123 -17.77 -3.61 10.77
N ILE B 124 -18.41 -3.64 9.60
CA ILE B 124 -17.84 -4.16 8.39
C ILE B 124 -17.73 -3.07 7.33
N ILE B 125 -16.56 -2.96 6.74
CA ILE B 125 -16.37 -2.16 5.53
C ILE B 125 -15.91 -3.05 4.43
N VAL B 126 -16.58 -2.99 3.29
CA VAL B 126 -16.14 -3.71 2.11
C VAL B 126 -15.65 -2.71 1.08
N MET B 127 -14.37 -2.85 0.73
CA MET B 127 -13.73 -2.00 -0.25
C MET B 127 -13.52 -2.79 -1.52
N ALA B 128 -14.27 -2.43 -2.56
CA ALA B 128 -14.19 -3.10 -3.84
C ALA B 128 -13.51 -2.25 -4.86
N CYS B 129 -12.36 -1.67 -4.51
CA CYS B 129 -11.50 -1.05 -5.54
C CYS B 129 -10.05 -1.09 -5.07
N MET B 130 -9.15 -0.68 -5.96
CA MET B 130 -7.71 -0.52 -5.71
C MET B 130 -7.52 0.92 -5.38
N GLU B 131 -6.39 1.27 -4.76
CA GLU B 131 -6.05 2.64 -4.56
C GLU B 131 -5.85 3.39 -5.88
N TYR B 132 -5.32 2.68 -6.87
CA TYR B 132 -5.05 3.26 -8.18
C TYR B 132 -5.67 2.36 -9.25
N GLU B 133 -6.36 2.99 -10.21
CA GLU B 133 -6.93 2.26 -11.33
C GLU B 133 -6.80 3.11 -12.57
N MET B 134 -6.29 2.49 -13.64
CA MET B 134 -6.05 3.13 -14.93
C MET B 134 -5.45 4.52 -14.79
N GLY B 135 -4.34 4.57 -14.07
CA GLY B 135 -3.56 5.79 -13.91
C GLY B 135 -4.13 6.89 -13.03
N LYS B 136 -5.14 6.59 -12.21
CA LYS B 136 -5.72 7.63 -11.35
C LYS B 136 -5.86 7.07 -9.97
N LYS B 137 -5.73 7.95 -8.99
CA LYS B 137 -5.95 7.57 -7.60
C LYS B 137 -7.47 7.48 -7.41
N LYS B 138 -7.91 6.38 -6.83
CA LYS B 138 -9.35 6.06 -6.76
C LYS B 138 -9.94 6.14 -5.34
N CYS B 139 -9.07 6.16 -4.33
CA CYS B 139 -9.46 6.13 -2.94
C CYS B 139 -8.24 6.54 -2.10
N GLU B 140 -8.44 7.40 -1.10
CA GLU B 140 -7.41 7.67 -0.11
C GLU B 140 -7.37 6.61 0.98
N ARG B 141 -6.19 6.54 1.60
CA ARG B 141 -5.90 5.60 2.71
C ARG B 141 -6.63 6.02 3.98
N TYR B 142 -7.60 5.20 4.39
CA TYR B 142 -8.34 5.39 5.60
C TYR B 142 -8.10 4.28 6.60
N TRP B 143 -7.42 3.24 6.15
CA TRP B 143 -7.13 2.08 6.97
C TRP B 143 -5.67 2.10 7.32
N ALA B 144 -5.32 1.23 8.26
CA ALA B 144 -3.97 0.98 8.69
C ALA B 144 -3.57 -0.44 8.30
N GLU B 145 -2.27 -0.66 8.16
CA GLU B 145 -1.70 -2.00 7.95
C GLU B 145 -0.77 -2.41 9.10
N PRO B 146 -0.49 -3.74 9.23
CA PRO B 146 0.43 -4.22 10.26
C PRO B 146 1.82 -3.54 10.22
N GLY B 147 2.35 -3.18 11.37
CA GLY B 147 3.63 -2.48 11.42
C GLY B 147 3.50 -0.98 11.55
N GLU B 148 2.44 -0.40 11.00
CA GLU B 148 2.33 1.06 10.88
C GLU B 148 1.89 1.78 12.14
N MET B 149 1.54 1.00 13.18
CA MET B 149 0.97 1.53 14.42
C MET B 149 -0.30 2.33 14.10
N GLN B 150 -0.50 3.47 14.75
CA GLN B 150 -1.79 4.18 14.63
C GLN B 150 -1.75 5.35 13.65
N LEU B 151 -2.55 5.28 12.59
CA LEU B 151 -2.86 6.44 11.76
C LEU B 151 -3.94 7.28 12.49
N GLU B 152 -3.88 8.60 12.33
CA GLU B 152 -4.78 9.51 13.00
C GLU B 152 -5.64 10.26 11.99
N PHE B 153 -6.95 10.20 12.15
CA PHE B 153 -7.83 10.98 11.32
C PHE B 153 -8.66 11.82 12.30
N GLY B 154 -8.30 13.08 12.47
CA GLY B 154 -8.82 13.88 13.56
C GLY B 154 -8.60 13.16 14.88
N PRO B 155 -9.66 12.99 15.67
CA PRO B 155 -9.58 12.31 16.95
C PRO B 155 -9.65 10.79 16.85
N PHE B 156 -9.82 10.25 15.65
CA PHE B 156 -9.84 8.80 15.45
C PHE B 156 -8.42 8.24 15.24
N SER B 157 -8.11 7.21 16.02
CA SER B 157 -6.86 6.49 15.89
CA SER B 157 -6.84 6.48 15.91
C SER B 157 -7.13 5.08 15.35
N VAL B 158 -6.47 4.71 14.25
CA VAL B 158 -6.74 3.48 13.53
C VAL B 158 -5.46 2.67 13.44
N SER B 159 -5.47 1.47 14.00
CA SER B 159 -4.36 0.54 13.84
C SER B 159 -4.88 -0.78 13.27
N CYS B 160 -3.98 -1.60 12.76
CA CYS B 160 -4.35 -2.89 12.21
C CYS B 160 -3.69 -3.97 13.02
N GLU B 161 -4.52 -4.79 13.66
CA GLU B 161 -4.09 -5.87 14.55
C GLU B 161 -3.69 -7.10 13.74
N ALA B 162 -4.42 -7.39 12.68
CA ALA B 162 -4.21 -8.58 11.90
C ALA B 162 -4.70 -8.38 10.49
N GLU B 163 -4.08 -9.09 9.54
CA GLU B 163 -4.49 -9.14 8.13
C GLU B 163 -4.59 -10.60 7.69
N LYS B 164 -5.78 -11.03 7.27
CA LYS B 164 -5.89 -12.40 6.74
C LYS B 164 -5.94 -12.26 5.24
N ARG B 165 -4.96 -12.83 4.55
CA ARG B 165 -4.94 -12.73 3.10
C ARG B 165 -5.59 -13.96 2.54
N LYS B 166 -6.65 -13.78 1.76
CA LYS B 166 -7.26 -14.90 1.03
C LYS B 166 -6.99 -14.70 -0.45
N SER B 167 -7.43 -15.62 -1.30
CA SER B 167 -7.12 -15.52 -2.73
C SER B 167 -7.07 -14.08 -3.29
N ASP B 168 -8.25 -13.46 -3.41
CA ASP B 168 -8.40 -12.19 -4.10
C ASP B 168 -8.75 -11.01 -3.18
N TYR B 169 -8.72 -11.25 -1.87
CA TYR B 169 -9.09 -10.23 -0.92
C TYR B 169 -8.35 -10.42 0.37
N ILE B 170 -8.35 -9.34 1.16
CA ILE B 170 -7.73 -9.21 2.44
C ILE B 170 -8.76 -8.80 3.49
N ILE B 171 -8.74 -9.49 4.64
CA ILE B 171 -9.55 -9.11 5.77
C ILE B 171 -8.62 -8.45 6.79
N ARG B 172 -8.83 -7.15 7.02
CA ARG B 172 -8.07 -6.39 8.01
C ARG B 172 -8.84 -6.23 9.30
N THR B 173 -8.24 -6.63 10.40
CA THR B 173 -8.82 -6.38 11.71
C THR B 173 -8.33 -5.02 12.21
N LEU B 174 -9.22 -4.04 12.14
CA LEU B 174 -8.88 -2.68 12.53
C LEU B 174 -9.32 -2.41 13.97
N LYS B 175 -8.47 -1.68 14.68
CA LYS B 175 -8.78 -1.21 16.02
C LYS B 175 -8.92 0.29 15.89
N VAL B 176 -10.10 0.80 16.25
CA VAL B 176 -10.40 2.21 16.10
C VAL B 176 -10.79 2.84 17.44
N LYS B 177 -10.01 3.86 17.80
CA LYS B 177 -10.10 4.50 19.11
C LYS B 177 -10.58 5.95 18.94
N PHE B 178 -11.61 6.29 19.70
CA PHE B 178 -12.20 7.60 19.71
C PHE B 178 -12.57 7.90 21.14
N ASN B 179 -12.08 9.06 21.58
CA ASN B 179 -12.10 9.42 22.99
C ASN B 179 -11.48 8.25 23.71
N SER B 180 -12.25 7.54 24.50
CA SER B 180 -11.68 6.49 25.36
C SER B 180 -12.06 5.09 24.89
N GLU B 181 -12.94 5.01 23.89
CA GLU B 181 -13.56 3.76 23.46
C GLU B 181 -12.80 3.24 22.24
N THR B 182 -12.69 1.92 22.14
CA THR B 182 -12.01 1.27 21.02
C THR B 182 -12.98 0.25 20.48
N ARG B 183 -13.16 0.25 19.16
CA ARG B 183 -13.99 -0.75 18.50
C ARG B 183 -13.14 -1.55 17.55
N THR B 184 -13.61 -2.75 17.23
CA THR B 184 -13.03 -3.56 16.16
C THR B 184 -13.90 -3.41 14.94
N ILE B 185 -13.27 -3.05 13.83
CA ILE B 185 -13.91 -2.95 12.50
C ILE B 185 -13.16 -3.88 11.59
N TYR B 186 -13.87 -4.62 10.77
CA TYR B 186 -13.26 -5.54 9.79
C TYR B 186 -13.45 -4.98 8.39
N GLN B 187 -12.33 -4.69 7.72
CA GLN B 187 -12.34 -4.18 6.35
C GLN B 187 -11.98 -5.35 5.43
N PHE B 188 -12.87 -5.65 4.51
CA PHE B 188 -12.64 -6.62 3.45
C PHE B 188 -12.20 -5.87 2.19
N HIS B 189 -10.92 -5.99 1.86
CA HIS B 189 -10.38 -5.29 0.69
C HIS B 189 -10.32 -6.26 -0.46
N TYR B 190 -11.22 -6.08 -1.41
CA TYR B 190 -11.36 -6.99 -2.53
C TYR B 190 -10.53 -6.38 -3.72
N LYS B 191 -9.47 -7.08 -4.12
CA LYS B 191 -8.47 -6.56 -5.05
C LYS B 191 -8.48 -7.28 -6.39
N ASN B 192 -9.61 -7.90 -6.71
CA ASN B 192 -9.84 -8.41 -8.04
C ASN B 192 -11.31 -8.16 -8.35
N TRP B 193 -11.74 -8.62 -9.53
CA TRP B 193 -13.15 -8.49 -9.92
C TRP B 193 -13.43 -9.55 -10.94
N PRO B 194 -14.64 -10.17 -10.89
CA PRO B 194 -14.98 -11.20 -11.88
C PRO B 194 -14.91 -10.73 -13.37
N ASP B 195 -14.53 -11.65 -14.24
CA ASP B 195 -14.42 -11.43 -15.69
C ASP B 195 -15.65 -11.98 -16.41
N HIS B 196 -16.12 -11.26 -17.42
CA HIS B 196 -17.25 -11.72 -18.26
C HIS B 196 -16.95 -13.04 -18.96
N ASP B 197 -15.68 -13.17 -19.39
CA ASP B 197 -15.24 -14.33 -20.18
C ASP B 197 -14.96 -15.64 -19.39
N VAL B 198 -14.89 -15.58 -18.06
CA VAL B 198 -14.76 -16.79 -17.20
C VAL B 198 -15.89 -16.92 -16.14
N PRO B 199 -16.92 -17.76 -16.40
CA PRO B 199 -17.95 -18.10 -15.38
C PRO B 199 -17.40 -18.47 -13.96
N SER B 200 -16.44 -19.38 -13.89
CA SER B 200 -15.80 -19.70 -12.63
C SER B 200 -15.17 -18.48 -11.91
N SER B 201 -14.93 -17.37 -12.63
CA SER B 201 -14.35 -16.20 -11.97
C SER B 201 -15.37 -15.48 -11.07
N ILE B 202 -16.65 -15.86 -11.10
CA ILE B 202 -17.62 -15.34 -10.16
C ILE B 202 -17.41 -15.91 -8.77
N ASP B 203 -16.77 -17.08 -8.67
CA ASP B 203 -16.61 -17.76 -7.37
C ASP B 203 -16.10 -16.94 -6.22
N PRO B 204 -15.05 -16.12 -6.46
CA PRO B 204 -14.47 -15.34 -5.37
C PRO B 204 -15.38 -14.30 -4.81
N ILE B 205 -16.24 -13.68 -5.64
CA ILE B 205 -17.10 -12.65 -5.08
C ILE B 205 -18.13 -13.29 -4.15
N LEU B 206 -18.55 -14.48 -4.51
CA LEU B 206 -19.45 -15.24 -3.66
C LEU B 206 -18.74 -15.66 -2.40
N GLU B 207 -17.45 -16.02 -2.48
CA GLU B 207 -16.71 -16.37 -1.26
C GLU B 207 -16.60 -15.17 -0.37
N LEU B 208 -16.32 -14.03 -0.97
CA LEU B 208 -16.19 -12.80 -0.24
C LEU B 208 -17.45 -12.52 0.57
N ILE B 209 -18.60 -12.59 -0.09
CA ILE B 209 -19.87 -12.24 0.56
C ILE B 209 -20.21 -13.20 1.68
N TRP B 210 -19.96 -14.48 1.44
CA TRP B 210 -20.11 -15.51 2.46
C TRP B 210 -19.29 -15.14 3.70
N ASP B 211 -18.04 -14.75 3.47
CA ASP B 211 -17.16 -14.39 4.57
C ASP B 211 -17.66 -13.21 5.34
N VAL B 212 -18.10 -12.20 4.60
CA VAL B 212 -18.67 -11.01 5.21
C VAL B 212 -19.79 -11.43 6.14
N ARG B 213 -20.61 -12.36 5.67
CA ARG B 213 -21.74 -12.78 6.49
C ARG B 213 -21.42 -13.76 7.60
N CYS B 214 -20.21 -14.31 7.59
CA CYS B 214 -19.66 -14.98 8.76
C CYS B 214 -19.35 -14.01 9.89
N TYR B 215 -18.91 -12.81 9.53
CA TYR B 215 -18.58 -11.76 10.48
C TYR B 215 -19.84 -10.97 10.99
N GLN B 216 -20.81 -10.70 10.12
CA GLN B 216 -22.11 -10.18 10.57
C GLN B 216 -23.22 -10.83 9.81
N GLU B 217 -23.94 -11.69 10.51
CA GLU B 217 -25.03 -12.44 9.96
C GLU B 217 -26.25 -11.58 9.67
N ASP B 218 -26.44 -10.54 10.48
CA ASP B 218 -27.69 -9.76 10.52
C ASP B 218 -27.57 -8.28 10.05
N ASP B 219 -28.62 -7.50 10.32
CA ASP B 219 -28.77 -6.14 9.86
C ASP B 219 -28.88 -5.15 11.04
N SER B 220 -28.32 -5.50 12.19
CA SER B 220 -28.37 -4.67 13.40
C SER B 220 -27.68 -3.36 13.19
N VAL B 221 -26.65 -3.37 12.35
CA VAL B 221 -25.98 -2.12 11.96
C VAL B 221 -25.72 -2.19 10.48
N PRO B 222 -25.56 -1.04 9.84
CA PRO B 222 -25.32 -1.12 8.41
C PRO B 222 -23.92 -1.68 8.10
N ILE B 223 -23.80 -2.34 6.98
CA ILE B 223 -22.56 -2.68 6.35
C ILE B 223 -22.19 -1.61 5.34
N CYS B 224 -20.95 -1.15 5.41
CA CYS B 224 -20.44 -0.05 4.55
C CYS B 224 -19.73 -0.69 3.34
N ILE B 225 -20.18 -0.37 2.15
CA ILE B 225 -19.63 -0.88 0.91
C ILE B 225 -19.28 0.29 0.02
N HIS B 226 -18.05 0.26 -0.52
CA HIS B 226 -17.59 1.35 -1.35
C HIS B 226 -16.66 0.81 -2.42
N CYS B 227 -16.64 1.51 -3.52
CA CYS B 227 -15.65 1.33 -4.55
C CYS B 227 -15.07 2.77 -4.71
N SER B 228 -14.82 3.25 -5.93
CA SER B 228 -14.32 4.63 -6.04
C SER B 228 -15.52 5.58 -6.01
N ALA B 229 -16.46 5.37 -6.93
CA ALA B 229 -17.66 6.22 -7.03
C ALA B 229 -18.72 5.81 -6.02
N GLY B 230 -18.75 4.52 -5.63
CA GLY B 230 -19.79 4.01 -4.73
C GLY B 230 -21.03 3.60 -5.54
N CYS B 231 -20.77 3.38 -6.83
CA CYS B 231 -21.74 2.91 -7.80
CA CYS B 231 -21.74 2.88 -7.74
C CYS B 231 -20.94 2.04 -8.74
N GLY B 232 -21.53 0.92 -9.06
CA GLY B 232 -21.03 -0.08 -10.03
C GLY B 232 -20.74 -1.30 -9.17
N ARG B 233 -19.48 -1.47 -8.83
CA ARG B 233 -19.04 -2.59 -8.03
C ARG B 233 -19.78 -2.61 -6.69
N THR B 234 -20.00 -1.43 -6.08
CA THR B 234 -20.76 -1.37 -4.84
C THR B 234 -22.16 -1.95 -5.02
N GLY B 235 -22.84 -1.58 -6.12
CA GLY B 235 -24.19 -2.01 -6.36
C GLY B 235 -24.25 -3.50 -6.59
N VAL B 236 -23.24 -4.02 -7.27
CA VAL B 236 -23.18 -5.44 -7.62
C VAL B 236 -23.15 -6.22 -6.32
N ILE B 237 -22.29 -5.78 -5.42
CA ILE B 237 -22.18 -6.47 -4.09
C ILE B 237 -23.49 -6.42 -3.31
N CYS B 238 -24.10 -5.23 -3.21
CA CYS B 238 -25.40 -5.07 -2.49
C CYS B 238 -26.47 -5.99 -3.07
N ALA B 239 -26.54 -6.06 -4.42
CA ALA B 239 -27.60 -6.80 -5.10
C ALA B 239 -27.49 -8.30 -4.83
N ILE B 240 -26.26 -8.80 -4.90
CA ILE B 240 -26.00 -10.23 -4.70
C ILE B 240 -26.26 -10.56 -3.23
N ASP B 241 -25.75 -9.72 -2.33
CA ASP B 241 -25.97 -9.96 -0.90
C ASP B 241 -27.46 -10.05 -0.59
N TYR B 242 -28.19 -9.03 -1.05
CA TYR B 242 -29.65 -8.94 -0.86
C TYR B 242 -30.36 -10.18 -1.40
N THR B 243 -30.01 -10.63 -2.61
CA THR B 243 -30.64 -11.81 -3.18
C THR B 243 -30.23 -13.09 -2.37
N TRP B 244 -28.99 -13.15 -1.94
CA TRP B 244 -28.54 -14.33 -1.16
C TRP B 244 -29.32 -14.44 0.17
N MET B 245 -29.61 -13.28 0.76
CA MET B 245 -30.34 -13.22 2.03
CA MET B 245 -30.35 -13.26 2.02
C MET B 245 -31.76 -13.76 1.81
N LEU B 246 -32.43 -13.29 0.74
CA LEU B 246 -33.77 -13.87 0.40
C LEU B 246 -33.71 -15.40 0.26
N LEU B 247 -32.69 -15.89 -0.41
CA LEU B 247 -32.50 -17.33 -0.62
C LEU B 247 -32.24 -18.12 0.68
N LYS B 248 -31.18 -17.73 1.38
CA LYS B 248 -30.86 -18.29 2.68
C LYS B 248 -32.07 -18.28 3.61
N ASP B 249 -32.83 -17.18 3.60
CA ASP B 249 -34.00 -17.08 4.52
C ASP B 249 -35.30 -17.65 3.99
N GLY B 250 -35.24 -18.26 2.81
CA GLY B 250 -36.41 -18.89 2.24
C GLY B 250 -37.56 -17.97 1.83
N ILE B 251 -37.23 -16.76 1.43
CA ILE B 251 -38.26 -15.77 1.10
C ILE B 251 -38.03 -15.08 -0.24
N ILE B 252 -37.49 -15.81 -1.22
CA ILE B 252 -37.52 -15.35 -2.60
C ILE B 252 -38.98 -15.23 -2.98
N PRO B 253 -39.40 -14.02 -3.40
CA PRO B 253 -40.80 -13.89 -3.84
C PRO B 253 -41.04 -14.62 -5.15
N GLU B 254 -42.30 -14.99 -5.38
CA GLU B 254 -42.73 -15.51 -6.65
C GLU B 254 -42.39 -14.52 -7.82
N ASN B 255 -42.54 -13.22 -7.58
CA ASN B 255 -42.29 -12.28 -8.68
C ASN B 255 -40.79 -11.93 -8.94
N PHE B 256 -39.85 -12.69 -8.37
CA PHE B 256 -38.43 -12.23 -8.34
C PHE B 256 -37.86 -12.01 -9.73
N SER B 257 -37.12 -10.91 -9.84
CA SER B 257 -36.56 -10.47 -11.09
C SER B 257 -35.30 -9.66 -10.76
N VAL B 258 -34.18 -10.04 -11.36
CA VAL B 258 -32.95 -9.25 -11.21
C VAL B 258 -33.20 -7.82 -11.71
N PHE B 259 -33.95 -7.70 -12.81
CA PHE B 259 -34.31 -6.36 -13.30
C PHE B 259 -35.03 -5.54 -12.19
N SER B 260 -36.08 -6.08 -11.58
CA SER B 260 -36.76 -5.31 -10.55
C SER B 260 -35.85 -4.93 -9.40
N LEU B 261 -35.00 -5.87 -8.99
CA LEU B 261 -34.03 -5.61 -7.91
C LEU B 261 -33.15 -4.42 -8.16
N ILE B 262 -32.51 -4.40 -9.33
CA ILE B 262 -31.59 -3.31 -9.68
C ILE B 262 -32.36 -1.99 -9.87
N ARG B 263 -33.55 -2.08 -10.42
CA ARG B 263 -34.44 -0.93 -10.61
C ARG B 263 -34.69 -0.29 -9.27
N GLU B 264 -35.03 -1.13 -8.30
CA GLU B 264 -35.34 -0.67 -6.98
C GLU B 264 -34.15 -0.01 -6.33
N MET B 265 -32.99 -0.63 -6.43
CA MET B 265 -31.76 -0.09 -5.91
C MET B 265 -31.31 1.20 -6.55
N ARG B 266 -31.50 1.36 -7.86
CA ARG B 266 -31.08 2.58 -8.57
C ARG B 266 -31.95 3.79 -8.14
N THR B 267 -33.04 3.54 -7.43
CA THR B 267 -33.86 4.63 -6.81
C THR B 267 -33.31 5.07 -5.42
N GLN B 268 -32.31 4.35 -4.91
CA GLN B 268 -31.74 4.62 -3.62
C GLN B 268 -30.36 5.32 -3.65
N ARG B 269 -29.57 5.01 -4.67
CA ARG B 269 -28.34 5.74 -4.99
C ARG B 269 -28.21 5.71 -6.47
N PRO B 270 -27.89 6.87 -7.08
CA PRO B 270 -27.85 6.89 -8.53
C PRO B 270 -26.79 5.97 -9.09
N SER B 271 -27.12 5.39 -10.21
CA SER B 271 -26.19 4.52 -10.96
C SER B 271 -25.68 3.35 -10.17
N LEU B 272 -26.41 2.95 -9.14
CA LEU B 272 -25.78 2.07 -8.11
C LEU B 272 -25.08 0.80 -8.74
N VAL B 273 -25.78 0.18 -9.71
CA VAL B 273 -25.19 -0.73 -10.76
C VAL B 273 -25.15 0.07 -12.07
N GLN B 274 -23.95 0.29 -12.58
CA GLN B 274 -23.69 1.34 -13.52
C GLN B 274 -23.58 0.89 -14.97
N THR B 275 -23.15 -0.35 -15.19
CA THR B 275 -22.89 -0.86 -16.55
C THR B 275 -23.67 -2.15 -16.87
N GLN B 276 -23.86 -2.42 -18.17
CA GLN B 276 -24.46 -3.65 -18.67
C GLN B 276 -23.68 -4.86 -18.15
N GLU B 277 -22.37 -4.71 -18.11
CA GLU B 277 -21.50 -5.82 -17.72
C GLU B 277 -21.72 -6.18 -16.25
N GLN B 278 -21.83 -5.16 -15.38
CA GLN B 278 -22.11 -5.40 -13.97
C GLN B 278 -23.55 -6.02 -13.79
N TYR B 279 -24.47 -5.55 -14.61
CA TYR B 279 -25.83 -6.10 -14.63
C TYR B 279 -25.81 -7.59 -14.94
N GLU B 280 -25.05 -7.98 -15.96
CA GLU B 280 -24.86 -9.40 -16.27
C GLU B 280 -24.22 -10.17 -15.14
N LEU B 281 -23.23 -9.58 -14.49
CA LEU B 281 -22.56 -10.25 -13.39
C LEU B 281 -23.54 -10.57 -12.26
N VAL B 282 -24.41 -9.61 -11.94
CA VAL B 282 -25.47 -9.86 -10.96
C VAL B 282 -26.34 -11.00 -11.40
N TYR B 283 -26.80 -10.98 -12.64
CA TYR B 283 -27.65 -12.06 -13.09
C TYR B 283 -26.98 -13.42 -12.94
N ASN B 284 -25.73 -13.49 -13.41
CA ASN B 284 -25.01 -14.76 -13.46
C ASN B 284 -24.70 -15.29 -12.08
N ALA B 285 -24.36 -14.36 -11.20
CA ALA B 285 -24.13 -14.66 -9.78
C ALA B 285 -25.42 -15.16 -9.11
N VAL B 286 -26.55 -14.52 -9.43
CA VAL B 286 -27.84 -14.87 -8.84
C VAL B 286 -28.28 -16.28 -9.26
N LEU B 287 -28.10 -16.60 -10.53
CA LEU B 287 -28.38 -17.93 -11.02
C LEU B 287 -27.56 -19.00 -10.30
N GLU B 288 -26.28 -18.72 -10.12
CA GLU B 288 -25.39 -19.65 -9.41
C GLU B 288 -25.85 -19.91 -7.97
N LEU B 289 -26.22 -18.83 -7.27
CA LEU B 289 -26.79 -18.95 -5.93
C LEU B 289 -28.09 -19.69 -5.93
N PHE B 290 -28.90 -19.53 -6.98
CA PHE B 290 -30.14 -20.31 -7.08
C PHE B 290 -29.82 -21.81 -7.16
N LYS B 291 -28.83 -22.14 -7.99
CA LYS B 291 -28.41 -23.49 -8.13
C LYS B 291 -27.90 -24.04 -6.80
N ARG B 292 -27.03 -23.26 -6.14
CA ARG B 292 -26.46 -23.67 -4.85
C ARG B 292 -27.52 -23.90 -3.76
N GLN B 293 -28.49 -23.01 -3.69
CA GLN B 293 -29.58 -23.16 -2.73
C GLN B 293 -30.38 -24.44 -2.99
N MET B 294 -30.53 -24.84 -4.23
CA MET B 294 -31.24 -26.11 -4.54
C MET B 294 -30.46 -27.35 -4.07
N ASP B 295 -29.14 -27.28 -4.14
CA ASP B 295 -28.30 -28.32 -3.55
C ASP B 295 -28.66 -28.37 -2.08
N VAL B 296 -28.71 -27.22 -1.43
CA VAL B 296 -29.07 -27.17 -0.01
C VAL B 296 -30.43 -27.85 0.19
N ILE B 297 -31.47 -27.40 -0.51
CA ILE B 297 -32.81 -27.94 -0.28
C ILE B 297 -32.88 -29.44 -0.50
N ARG B 298 -32.24 -29.94 -1.56
CA ARG B 298 -32.26 -31.37 -1.93
C ARG B 298 -31.52 -32.27 -0.91
C1 EDO C . 15.18 11.43 10.84
O1 EDO C . 16.07 10.42 10.40
C2 EDO C . 15.77 12.72 10.33
O2 EDO C . 16.94 13.00 11.11
C1 EDO D . 29.94 16.55 19.60
O1 EDO D . 29.10 17.62 19.18
C2 EDO D . 29.27 15.21 19.43
O2 EDO D . 27.92 15.21 19.86
C1 EDO E . 20.41 -6.60 16.74
O1 EDO E . 21.74 -6.06 16.80
C2 EDO E . 20.26 -7.64 17.84
O2 EDO E . 20.80 -8.89 17.40
CL CL F . -25.79 -21.27 -0.57
C1 EDO G . -18.17 7.86 -12.36
O1 EDO G . -19.43 7.81 -13.04
C2 EDO G . -17.49 6.49 -12.39
O2 EDO G . -18.29 5.53 -11.73
#